data_5O8I
#
_entry.id   5O8I
#
_cell.length_a   46.031
_cell.length_b   76.364
_cell.length_c   80.864
_cell.angle_alpha   90.00
_cell.angle_beta   90.00
_cell.angle_gamma   90.00
#
_symmetry.space_group_name_H-M   'P 21 21 21'
#
loop_
_entity.id
_entity.type
_entity.pdbx_description
1 polymer 'Histidine triad nucleotide-binding protein 1'
2 non-polymer "ADENOSINE-5'-DIPHOSPHATE"
3 water water
#
_entity_poly.entity_id   1
_entity_poly.type   'polypeptide(L)'
_entity_poly.pdbx_seq_one_letter_code
;MADEIAKAQVARPGGDTIFGKIIRKEIPAKIIFEDDRCLAFHDISPQAPTHFLVIPKKHISQISVAEDDDESLLGHLMIV
GKKCAADLGLNKGYRMVVNEGSDGGQSVYHVHLHVLGGRQMHWPPG
;
_entity_poly.pdbx_strand_id   A,B
#
loop_
_chem_comp.id
_chem_comp.type
_chem_comp.name
_chem_comp.formula
ADP non-polymer ADENOSINE-5'-DIPHOSPHATE 'C10 H15 N5 O10 P2'
#
# COMPACT_ATOMS: atom_id res chain seq x y z
N ARG A 12 -10.43 -11.84 -20.65
CA ARG A 12 -11.25 -12.76 -19.77
C ARG A 12 -11.39 -12.18 -18.31
N PRO A 13 -12.63 -12.17 -17.73
CA PRO A 13 -12.81 -11.59 -16.36
C PRO A 13 -11.97 -12.45 -15.26
N GLY A 14 -11.20 -11.58 -14.54
CA GLY A 14 -10.29 -11.96 -13.48
C GLY A 14 -9.00 -12.37 -14.09
N GLY A 15 -8.77 -12.45 -15.38
CA GLY A 15 -7.43 -12.75 -15.89
C GLY A 15 -6.87 -14.17 -15.98
N ASP A 16 -5.71 -14.18 -16.71
CA ASP A 16 -4.95 -15.30 -17.14
C ASP A 16 -3.75 -15.58 -16.26
N THR A 17 -3.79 -15.24 -15.04
CA THR A 17 -2.80 -15.59 -14.06
C THR A 17 -3.38 -16.63 -13.05
N ILE A 18 -2.50 -17.16 -12.20
CA ILE A 18 -2.97 -18.06 -11.16
C ILE A 18 -3.98 -17.36 -10.20
N PHE A 19 -3.87 -16.03 -10.05
CA PHE A 19 -4.86 -15.35 -9.23
C PHE A 19 -6.23 -15.33 -9.87
N GLY A 20 -6.29 -15.32 -11.21
CA GLY A 20 -7.56 -15.49 -11.88
C GLY A 20 -8.20 -16.83 -11.63
N LYS A 21 -7.34 -17.89 -11.62
N LYS A 21 -7.34 -17.89 -11.62
CA LYS A 21 -7.82 -19.20 -11.29
CA LYS A 21 -7.84 -19.20 -11.29
C LYS A 21 -8.41 -19.26 -9.86
C LYS A 21 -8.41 -19.26 -9.85
N ILE A 22 -7.75 -18.57 -8.94
CA ILE A 22 -8.22 -18.52 -7.56
C ILE A 22 -9.57 -17.81 -7.48
N ILE A 23 -9.69 -16.65 -8.14
CA ILE A 23 -10.95 -15.93 -8.17
C ILE A 23 -12.08 -16.76 -8.72
N ARG A 24 -11.80 -17.54 -9.79
CA ARG A 24 -12.80 -18.38 -10.42
C ARG A 24 -13.09 -19.68 -9.69
N LYS A 25 -12.35 -19.89 -8.59
N LYS A 25 -12.36 -19.89 -8.59
CA LYS A 25 -12.54 -21.09 -7.78
CA LYS A 25 -12.54 -21.08 -7.77
C LYS A 25 -12.09 -22.37 -8.48
C LYS A 25 -12.09 -22.35 -8.49
N GLU A 26 -11.20 -22.21 -9.46
CA GLU A 26 -10.69 -23.37 -10.21
C GLU A 26 -9.64 -24.10 -9.43
N ILE A 27 -8.92 -23.44 -8.57
CA ILE A 27 -7.95 -24.08 -7.72
C ILE A 27 -8.24 -23.58 -6.31
N PRO A 28 -7.87 -24.38 -5.33
CA PRO A 28 -8.13 -23.96 -3.93
C PRO A 28 -7.20 -22.86 -3.45
N ALA A 29 -7.64 -22.17 -2.44
CA ALA A 29 -6.88 -21.17 -1.73
C ALA A 29 -7.40 -21.06 -0.30
N LYS A 30 -6.61 -20.52 0.58
CA LYS A 30 -7.01 -20.31 1.97
C LYS A 30 -7.70 -18.94 2.03
N ILE A 31 -8.97 -18.95 1.62
CA ILE A 31 -9.76 -17.73 1.51
C ILE A 31 -10.11 -17.21 2.88
N ILE A 32 -9.93 -15.92 3.12
CA ILE A 32 -10.27 -15.24 4.34
C ILE A 32 -11.61 -14.51 4.23
N PHE A 33 -11.79 -13.79 3.11
CA PHE A 33 -12.88 -12.88 2.90
C PHE A 33 -13.11 -12.70 1.44
N GLU A 34 -14.38 -12.48 1.07
CA GLU A 34 -14.73 -12.18 -0.30
C GLU A 34 -15.85 -11.18 -0.32
N ASP A 35 -15.85 -10.29 -1.33
CA ASP A 35 -17.07 -9.52 -1.62
C ASP A 35 -17.23 -9.49 -3.14
N ASP A 36 -18.03 -8.53 -3.65
CA ASP A 36 -18.30 -8.45 -5.11
C ASP A 36 -17.11 -8.03 -5.90
N ARG A 37 -16.09 -7.45 -5.27
CA ARG A 37 -15.05 -6.75 -6.00
C ARG A 37 -13.66 -7.12 -5.58
N CYS A 38 -13.47 -7.96 -4.58
CA CYS A 38 -12.13 -8.33 -4.12
C CYS A 38 -12.19 -9.67 -3.40
N LEU A 39 -10.99 -10.23 -3.20
CA LEU A 39 -10.80 -11.50 -2.52
C LEU A 39 -9.58 -11.40 -1.68
N ALA A 40 -9.65 -11.90 -0.43
CA ALA A 40 -8.50 -11.95 0.46
C ALA A 40 -8.19 -13.41 0.79
N PHE A 41 -6.91 -13.78 0.72
CA PHE A 41 -6.51 -15.17 0.95
C PHE A 41 -5.08 -15.17 1.49
N HIS A 42 -4.75 -16.21 2.24
CA HIS A 42 -3.40 -16.31 2.78
C HIS A 42 -2.39 -16.59 1.66
N ASP A 43 -1.20 -15.99 1.78
CA ASP A 43 -0.15 -16.22 0.81
C ASP A 43 0.34 -17.67 0.92
N ILE A 44 0.52 -18.36 -0.19
CA ILE A 44 1.01 -19.73 -0.15
C ILE A 44 2.43 -19.84 0.24
N SER A 45 3.21 -18.75 0.20
N SER A 45 3.22 -18.75 0.19
CA SER A 45 4.60 -18.71 0.57
CA SER A 45 4.59 -18.71 0.62
C SER A 45 4.79 -17.66 1.68
C SER A 45 4.78 -17.67 1.68
N PRO A 46 4.27 -17.90 2.89
CA PRO A 46 4.18 -16.81 3.85
C PRO A 46 5.50 -16.40 4.39
N GLN A 47 5.65 -15.08 4.60
CA GLN A 47 6.88 -14.50 5.10
C GLN A 47 6.80 -13.93 6.51
N ALA A 48 5.65 -14.20 7.15
CA ALA A 48 5.38 -13.77 8.52
C ALA A 48 4.33 -14.70 9.11
N PRO A 49 4.12 -14.69 10.42
CA PRO A 49 3.11 -15.62 10.98
C PRO A 49 1.71 -15.33 10.42
N THR A 50 1.40 -14.11 10.08
CA THR A 50 0.25 -13.77 9.25
C THR A 50 0.79 -13.09 7.95
N HIS A 51 0.39 -13.64 6.84
CA HIS A 51 0.77 -13.03 5.53
C HIS A 51 -0.32 -13.39 4.59
N PHE A 52 -1.13 -12.36 4.19
CA PHE A 52 -2.22 -12.59 3.28
C PHE A 52 -2.21 -11.54 2.15
N LEU A 53 -3.02 -11.79 1.17
CA LEU A 53 -3.16 -10.92 0.00
C LEU A 53 -4.59 -10.48 -0.12
N VAL A 54 -4.77 -9.22 -0.59
CA VAL A 54 -6.07 -8.72 -1.00
C VAL A 54 -5.97 -8.35 -2.50
N ILE A 55 -6.79 -8.92 -3.31
CA ILE A 55 -6.71 -8.71 -4.74
C ILE A 55 -8.04 -8.24 -5.29
N PRO A 56 -8.06 -7.36 -6.29
CA PRO A 56 -9.32 -7.01 -6.96
C PRO A 56 -9.74 -8.17 -7.86
N LYS A 57 -11.05 -8.29 -8.06
CA LYS A 57 -11.55 -9.18 -9.04
C LYS A 57 -11.31 -8.72 -10.47
N LYS A 58 -11.30 -7.39 -10.62
CA LYS A 58 -10.94 -6.80 -11.93
C LYS A 58 -9.47 -7.08 -12.18
N HIS A 59 -9.16 -7.53 -13.39
CA HIS A 59 -7.77 -7.83 -13.71
C HIS A 59 -7.03 -6.56 -14.08
N ILE A 60 -6.38 -5.99 -13.16
CA ILE A 60 -5.40 -4.90 -13.33
C ILE A 60 -4.03 -5.57 -13.18
N SER A 61 -3.21 -5.50 -14.22
CA SER A 61 -1.98 -6.28 -14.20
C SER A 61 -0.97 -5.85 -13.20
N GLN A 62 -0.93 -4.53 -12.93
CA GLN A 62 0.09 -3.94 -12.10
C GLN A 62 -0.37 -2.52 -11.71
N ILE A 63 0.11 -2.03 -10.59
N ILE A 63 0.10 -2.04 -10.59
CA ILE A 63 -0.37 -0.72 -10.09
CA ILE A 63 -0.37 -0.73 -10.10
C ILE A 63 -0.03 0.38 -11.11
C ILE A 63 -0.03 0.38 -11.11
N SER A 64 1.08 0.23 -11.84
CA SER A 64 1.47 1.26 -12.80
C SER A 64 0.44 1.51 -13.89
N VAL A 65 -0.43 0.54 -14.15
CA VAL A 65 -1.43 0.73 -15.18
C VAL A 65 -2.84 1.01 -14.57
N ALA A 66 -2.97 1.15 -13.29
CA ALA A 66 -4.23 1.49 -12.71
C ALA A 66 -4.65 2.93 -13.18
N GLU A 67 -5.94 3.03 -13.34
CA GLU A 67 -6.53 4.28 -13.81
C GLU A 67 -7.11 5.10 -12.73
N ASP A 68 -7.36 6.36 -12.96
CA ASP A 68 -7.89 7.23 -11.91
C ASP A 68 -9.29 6.67 -11.45
N ASP A 69 -10.04 6.07 -12.33
CA ASP A 69 -11.33 5.57 -11.94
C ASP A 69 -11.25 4.31 -11.03
N ASP A 70 -10.04 3.77 -10.88
CA ASP A 70 -9.80 2.63 -9.95
C ASP A 70 -9.48 3.10 -8.56
N GLU A 71 -9.43 4.41 -8.26
N GLU A 71 -9.47 4.43 -8.25
CA GLU A 71 -9.09 4.87 -6.95
CA GLU A 71 -9.04 4.89 -6.95
C GLU A 71 -9.84 4.24 -5.82
C GLU A 71 -9.82 4.25 -5.81
N SER A 72 -11.14 4.25 -5.90
CA SER A 72 -11.88 3.74 -4.79
C SER A 72 -11.67 2.24 -4.63
N LEU A 73 -11.57 1.51 -5.74
CA LEU A 73 -11.29 0.06 -5.65
C LEU A 73 -9.93 -0.17 -4.91
N LEU A 74 -8.89 0.59 -5.28
CA LEU A 74 -7.59 0.42 -4.61
C LEU A 74 -7.71 0.69 -3.09
N GLY A 75 -8.44 1.79 -2.75
CA GLY A 75 -8.66 2.06 -1.37
C GLY A 75 -9.44 0.96 -0.67
N HIS A 76 -10.38 0.37 -1.40
CA HIS A 76 -11.15 -0.74 -0.86
C HIS A 76 -10.25 -1.91 -0.52
N LEU A 77 -9.24 -2.17 -1.32
CA LEU A 77 -8.28 -3.24 -0.97
C LEU A 77 -7.64 -2.97 0.38
N MET A 78 -7.27 -1.71 0.63
N MET A 78 -7.27 -1.72 0.63
N MET A 78 -7.27 -1.71 0.63
CA MET A 78 -6.62 -1.31 1.90
CA MET A 78 -6.64 -1.34 1.90
CA MET A 78 -6.64 -1.33 1.92
C MET A 78 -7.61 -1.43 3.08
C MET A 78 -7.61 -1.43 3.08
C MET A 78 -7.61 -1.43 3.08
N ILE A 79 -8.85 -0.98 2.89
CA ILE A 79 -9.83 -1.11 3.98
C ILE A 79 -10.12 -2.59 4.28
N VAL A 80 -10.31 -3.39 3.25
CA VAL A 80 -10.50 -4.83 3.47
C VAL A 80 -9.31 -5.41 4.14
N GLY A 81 -8.08 -5.01 3.72
CA GLY A 81 -6.90 -5.50 4.38
C GLY A 81 -6.85 -5.19 5.87
N LYS A 82 -7.21 -3.92 6.21
CA LYS A 82 -7.22 -3.55 7.63
C LYS A 82 -8.26 -4.34 8.39
N LYS A 83 -9.43 -4.55 7.82
CA LYS A 83 -10.47 -5.27 8.53
C LYS A 83 -10.09 -6.75 8.67
N CYS A 84 -9.51 -7.34 7.64
CA CYS A 84 -9.06 -8.71 7.77
C CYS A 84 -7.94 -8.86 8.75
N ALA A 85 -7.00 -7.91 8.82
CA ALA A 85 -5.93 -7.98 9.78
C ALA A 85 -6.50 -8.00 11.21
N ALA A 86 -7.48 -7.17 11.49
CA ALA A 86 -8.09 -7.18 12.80
C ALA A 86 -8.69 -8.53 13.16
N ASP A 87 -9.38 -9.12 12.19
CA ASP A 87 -10.04 -10.43 12.40
C ASP A 87 -9.11 -11.64 12.31
N LEU A 88 -7.85 -11.36 12.05
CA LEU A 88 -6.73 -12.31 12.15
C LEU A 88 -5.93 -12.11 13.41
N GLY A 89 -6.35 -11.24 14.29
CA GLY A 89 -5.70 -11.06 15.56
C GLY A 89 -4.51 -10.10 15.58
N LEU A 90 -4.29 -9.34 14.51
CA LEU A 90 -3.12 -8.50 14.43
C LEU A 90 -3.27 -7.18 15.16
N ASN A 91 -3.18 -7.14 16.43
N ASN A 91 -3.17 -7.16 16.42
CA ASN A 91 -3.33 -5.94 17.21
CA ASN A 91 -3.32 -5.98 17.25
C ASN A 91 -2.05 -5.21 17.56
C ASN A 91 -2.06 -5.21 17.56
N LYS A 92 -0.91 -5.75 17.21
CA LYS A 92 0.35 -5.08 17.45
C LYS A 92 0.91 -4.42 16.20
N GLY A 93 0.24 -4.55 15.09
CA GLY A 93 0.63 -3.90 13.84
C GLY A 93 0.87 -4.85 12.73
N TYR A 94 1.21 -4.23 11.56
CA TYR A 94 1.38 -5.01 10.33
C TYR A 94 1.96 -4.06 9.28
N ARG A 95 2.36 -4.67 8.15
CA ARG A 95 2.89 -3.93 7.03
C ARG A 95 2.13 -4.28 5.77
N MET A 96 1.70 -3.26 5.01
CA MET A 96 1.03 -3.44 3.72
C MET A 96 2.05 -3.16 2.62
N VAL A 97 2.03 -3.97 1.56
CA VAL A 97 3.01 -3.84 0.48
C VAL A 97 2.35 -4.04 -0.87
N VAL A 98 2.68 -3.18 -1.85
CA VAL A 98 2.36 -3.42 -3.23
C VAL A 98 3.65 -3.40 -4.03
N ASN A 99 3.95 -4.48 -4.71
CA ASN A 99 5.13 -4.58 -5.56
C ASN A 99 4.75 -4.26 -7.02
N GLU A 100 5.65 -3.49 -7.67
CA GLU A 100 5.52 -3.18 -9.08
C GLU A 100 6.77 -3.62 -9.83
N GLY A 101 6.54 -4.44 -10.86
CA GLY A 101 7.59 -4.74 -11.78
C GLY A 101 8.79 -5.48 -11.23
N SER A 102 9.87 -5.45 -12.01
N SER A 102 9.87 -5.44 -12.00
N SER A 102 9.87 -5.49 -12.01
CA SER A 102 11.07 -6.21 -11.75
CA SER A 102 11.06 -6.20 -11.73
CA SER A 102 11.06 -6.30 -11.64
C SER A 102 11.77 -5.78 -10.46
C SER A 102 11.77 -5.78 -10.46
C SER A 102 11.77 -5.80 -10.43
N ASP A 103 12.05 -4.47 -10.37
CA ASP A 103 12.71 -3.98 -9.21
C ASP A 103 11.85 -4.10 -7.95
N GLY A 104 10.54 -4.01 -8.11
CA GLY A 104 9.65 -4.18 -6.96
C GLY A 104 9.47 -5.62 -6.55
N GLY A 105 9.91 -6.57 -7.31
CA GLY A 105 9.76 -7.95 -6.96
C GLY A 105 8.37 -8.48 -7.16
N GLN A 106 7.59 -7.90 -8.08
CA GLN A 106 6.25 -8.38 -8.33
C GLN A 106 6.27 -9.78 -8.89
N SER A 107 5.55 -10.67 -8.19
N SER A 107 5.56 -10.68 -8.19
CA SER A 107 5.55 -12.10 -8.52
CA SER A 107 5.56 -12.10 -8.57
C SER A 107 4.51 -12.57 -9.47
C SER A 107 4.53 -12.53 -9.53
N VAL A 108 3.36 -11.92 -9.50
CA VAL A 108 2.19 -12.24 -10.33
C VAL A 108 1.68 -10.93 -10.93
N TYR A 109 1.50 -10.83 -12.21
N TYR A 109 1.33 -11.00 -12.22
CA TYR A 109 0.95 -9.64 -12.86
CA TYR A 109 0.84 -9.86 -12.98
C TYR A 109 -0.58 -9.61 -12.81
C TYR A 109 -0.64 -9.66 -12.82
N HIS A 110 -1.05 -9.52 -11.54
CA HIS A 110 -2.40 -9.19 -11.12
C HIS A 110 -2.19 -8.41 -9.85
N VAL A 111 -2.75 -7.18 -9.77
N VAL A 111 -2.55 -7.14 -9.82
CA VAL A 111 -2.48 -6.33 -8.63
CA VAL A 111 -2.24 -6.34 -8.65
C VAL A 111 -2.82 -7.07 -7.34
C VAL A 111 -2.77 -6.98 -7.36
N HIS A 112 -1.92 -6.94 -6.36
CA HIS A 112 -2.20 -7.54 -5.05
C HIS A 112 -1.58 -6.74 -3.95
N LEU A 113 -2.30 -6.61 -2.85
CA LEU A 113 -1.87 -5.98 -1.63
C LEU A 113 -1.44 -7.07 -0.61
N HIS A 114 -0.18 -7.08 -0.27
CA HIS A 114 0.27 -7.94 0.82
C HIS A 114 0.00 -7.31 2.16
N VAL A 115 -0.35 -8.12 3.16
CA VAL A 115 -0.49 -7.71 4.52
C VAL A 115 0.28 -8.71 5.40
N LEU A 116 1.29 -8.23 6.10
CA LEU A 116 2.18 -9.08 6.89
C LEU A 116 2.21 -8.64 8.33
N GLY A 117 2.11 -9.57 9.26
CA GLY A 117 2.26 -9.24 10.65
C GLY A 117 2.47 -10.49 11.51
N GLY A 118 2.37 -10.28 12.82
CA GLY A 118 2.65 -11.39 13.76
C GLY A 118 4.12 -11.53 14.13
N ARG A 119 4.95 -10.63 13.61
CA ARG A 119 6.33 -10.55 14.01
C ARG A 119 6.78 -9.08 13.81
N GLN A 120 7.90 -8.72 14.36
CA GLN A 120 8.48 -7.42 14.02
C GLN A 120 8.88 -7.40 12.57
N MET A 121 8.41 -6.38 11.85
CA MET A 121 8.85 -6.09 10.49
C MET A 121 10.00 -5.13 10.60
N HIS A 122 11.00 -5.27 9.73
CA HIS A 122 12.24 -4.57 9.82
C HIS A 122 12.39 -3.52 8.72
N TRP A 123 13.46 -2.73 8.85
CA TRP A 123 13.67 -1.60 7.91
C TRP A 123 15.12 -1.70 7.42
N PRO A 124 15.41 -1.57 6.14
CA PRO A 124 14.49 -1.25 5.06
C PRO A 124 13.53 -2.39 4.70
N PRO A 125 12.45 -2.11 3.99
CA PRO A 125 11.40 -3.12 3.69
C PRO A 125 11.81 -3.88 2.43
N GLY A 126 12.94 -4.63 2.50
CA GLY A 126 13.56 -5.21 1.33
C GLY A 126 14.57 -4.27 0.68
N ALA B 11 -7.66 20.61 16.82
CA ALA B 11 -6.95 20.00 15.61
C ALA B 11 -6.68 21.00 14.41
N ARG B 12 -5.38 21.34 14.28
CA ARG B 12 -4.87 22.09 13.14
C ARG B 12 -5.09 21.35 11.87
N PRO B 13 -5.37 22.08 10.72
CA PRO B 13 -5.06 21.48 9.41
C PRO B 13 -3.74 20.74 9.33
N GLY B 14 -3.80 19.48 8.95
CA GLY B 14 -2.58 18.62 8.80
C GLY B 14 -2.28 17.91 10.06
N GLY B 15 -2.88 18.15 11.22
CA GLY B 15 -2.52 17.41 12.40
C GLY B 15 -1.34 17.82 13.23
N ASP B 16 -0.99 17.04 14.24
CA ASP B 16 -0.05 17.43 15.21
C ASP B 16 1.26 16.71 15.15
N THR B 17 1.51 15.92 14.12
CA THR B 17 2.81 15.30 13.96
C THR B 17 3.79 16.21 13.13
N ILE B 18 4.99 15.74 12.88
CA ILE B 18 5.91 16.43 12.02
C ILE B 18 5.31 16.61 10.60
N PHE B 19 4.51 15.64 10.16
CA PHE B 19 3.89 15.82 8.84
C PHE B 19 2.93 16.96 8.80
N GLY B 20 2.34 17.30 9.92
CA GLY B 20 1.49 18.52 9.94
C GLY B 20 2.28 19.79 9.67
N LYS B 21 3.51 19.83 10.19
CA LYS B 21 4.39 20.96 9.89
C LYS B 21 4.69 21.01 8.40
N ILE B 22 4.90 19.87 7.79
CA ILE B 22 5.20 19.81 6.31
C ILE B 22 3.94 20.26 5.58
N ILE B 23 2.78 19.75 5.90
CA ILE B 23 1.51 20.12 5.22
C ILE B 23 1.30 21.61 5.34
N ARG B 24 1.52 22.17 6.49
CA ARG B 24 1.31 23.61 6.69
C ARG B 24 2.45 24.47 6.20
N LYS B 25 3.45 23.85 5.61
N LYS B 25 3.46 23.85 5.65
CA LYS B 25 4.62 24.49 5.01
CA LYS B 25 4.57 24.58 4.99
C LYS B 25 5.41 25.28 6.02
C LYS B 25 5.41 25.29 6.05
N GLU B 26 5.38 24.85 7.31
CA GLU B 26 6.15 25.45 8.31
C GLU B 26 7.61 25.07 8.21
N ILE B 27 7.87 23.88 7.72
CA ILE B 27 9.16 23.39 7.46
C ILE B 27 9.21 22.85 6.07
N PRO B 28 10.38 23.01 5.40
CA PRO B 28 10.45 22.63 4.03
C PRO B 28 10.54 21.13 3.79
N ALA B 29 10.15 20.73 2.64
CA ALA B 29 10.32 19.42 2.12
C ALA B 29 10.46 19.49 0.60
N LYS B 30 11.09 18.54 -0.02
CA LYS B 30 11.23 18.53 -1.48
C LYS B 30 9.97 17.87 -2.06
N ILE B 31 9.02 18.70 -2.44
N ILE B 31 9.01 18.70 -2.49
CA ILE B 31 7.70 18.30 -2.83
CA ILE B 31 7.67 18.30 -2.91
C ILE B 31 7.69 17.91 -4.29
C ILE B 31 7.67 17.91 -4.34
N ILE B 32 7.10 16.73 -4.58
CA ILE B 32 6.92 16.19 -5.89
C ILE B 32 5.57 16.55 -6.47
N PHE B 33 4.51 16.53 -5.63
CA PHE B 33 3.15 16.78 -6.06
C PHE B 33 2.33 17.20 -4.92
N GLU B 34 1.40 18.13 -5.16
CA GLU B 34 0.41 18.54 -4.18
C GLU B 34 -0.92 18.72 -4.81
N ASP B 35 -2.00 18.28 -4.12
CA ASP B 35 -3.35 18.68 -4.48
C ASP B 35 -4.14 18.94 -3.21
N ASP B 36 -5.44 19.12 -3.30
N ASP B 36 -5.46 19.14 -3.31
CA ASP B 36 -6.19 19.46 -2.13
CA ASP B 36 -6.26 19.51 -2.18
C ASP B 36 -6.39 18.32 -1.15
C ASP B 36 -6.40 18.34 -1.17
N ARG B 37 -6.00 17.12 -1.55
CA ARG B 37 -6.16 15.94 -0.71
C ARG B 37 -4.86 15.38 -0.17
N CYS B 38 -3.69 15.62 -0.79
CA CYS B 38 -2.49 14.89 -0.45
C CYS B 38 -1.24 15.68 -0.82
N LEU B 39 -0.13 15.19 -0.36
CA LEU B 39 1.18 15.75 -0.66
C LEU B 39 2.15 14.62 -0.83
N ALA B 40 3.04 14.71 -1.82
CA ALA B 40 4.07 13.72 -2.05
C ALA B 40 5.40 14.44 -1.98
N PHE B 41 6.36 13.87 -1.22
CA PHE B 41 7.67 14.54 -0.99
C PHE B 41 8.74 13.53 -0.74
N HIS B 42 10.00 13.86 -1.01
CA HIS B 42 11.06 12.94 -0.82
C HIS B 42 11.37 12.69 0.69
N ASP B 43 11.71 11.42 0.97
CA ASP B 43 12.06 11.05 2.33
C ASP B 43 13.49 11.47 2.65
N ILE B 44 13.69 12.05 3.81
CA ILE B 44 15.01 12.53 4.21
C ILE B 44 15.93 11.42 4.72
N SER B 45 15.39 10.22 4.89
N SER B 45 15.43 10.18 4.83
CA SER B 45 16.19 9.05 5.28
CA SER B 45 16.27 9.01 5.22
C SER B 45 16.00 7.94 4.23
C SER B 45 16.06 7.90 4.20
N PRO B 46 16.42 8.18 2.95
CA PRO B 46 16.02 7.28 1.93
C PRO B 46 16.71 5.89 2.06
N GLN B 47 15.87 4.89 1.75
CA GLN B 47 16.30 3.49 1.78
C GLN B 47 16.52 2.87 0.38
N ALA B 48 16.41 3.74 -0.63
CA ALA B 48 16.59 3.36 -2.02
C ALA B 48 16.98 4.61 -2.79
N PRO B 49 17.52 4.50 -4.02
CA PRO B 49 17.92 5.72 -4.71
C PRO B 49 16.78 6.71 -4.93
N THR B 50 15.56 6.21 -5.11
CA THR B 50 14.38 7.02 -4.98
C THR B 50 13.53 6.52 -3.80
N HIS B 51 13.15 7.43 -2.93
CA HIS B 51 12.30 7.07 -1.80
C HIS B 51 11.52 8.29 -1.44
N PHE B 52 10.20 8.24 -1.65
CA PHE B 52 9.32 9.34 -1.33
C PHE B 52 8.12 8.83 -0.55
N LEU B 53 7.35 9.78 -0.01
CA LEU B 53 6.19 9.54 0.78
C LEU B 53 5.01 10.23 0.11
N VAL B 54 3.83 9.62 0.20
CA VAL B 54 2.56 10.25 -0.15
C VAL B 54 1.68 10.24 1.11
N ILE B 55 1.22 11.40 1.49
CA ILE B 55 0.47 11.53 2.73
C ILE B 55 -0.85 12.23 2.49
N PRO B 56 -1.92 11.86 3.19
CA PRO B 56 -3.14 12.61 3.13
C PRO B 56 -2.99 13.91 3.89
N LYS B 57 -3.70 14.97 3.45
CA LYS B 57 -3.74 16.18 4.24
C LYS B 57 -4.64 16.02 5.48
N LYS B 58 -5.69 15.20 5.35
CA LYS B 58 -6.49 14.80 6.51
C LYS B 58 -5.63 14.00 7.48
N HIS B 59 -5.67 14.35 8.75
N HIS B 59 -5.70 14.33 8.78
CA HIS B 59 -4.89 13.56 9.72
CA HIS B 59 -4.86 13.55 9.73
C HIS B 59 -5.66 12.28 10.09
C HIS B 59 -5.59 12.28 10.16
N ILE B 60 -5.24 11.19 9.52
CA ILE B 60 -5.59 9.83 9.92
C ILE B 60 -4.32 9.28 10.60
N SER B 61 -4.46 8.89 11.88
CA SER B 61 -3.25 8.53 12.59
C SER B 61 -2.55 7.25 12.10
N GLN B 62 -3.34 6.28 11.67
CA GLN B 62 -2.85 5.01 11.32
C GLN B 62 -3.92 4.30 10.46
N ILE B 63 -3.53 3.41 9.58
N ILE B 63 -3.52 3.40 9.56
CA ILE B 63 -4.48 2.78 8.68
CA ILE B 63 -4.45 2.71 8.67
C ILE B 63 -5.53 1.96 9.47
C ILE B 63 -5.51 1.95 9.46
N SER B 64 -5.14 1.43 10.65
CA SER B 64 -6.05 0.63 11.42
C SER B 64 -7.30 1.41 11.91
N VAL B 65 -7.24 2.77 11.93
CA VAL B 65 -8.34 3.57 12.33
C VAL B 65 -9.01 4.30 11.18
N ALA B 66 -8.60 4.01 9.96
CA ALA B 66 -9.27 4.63 8.82
C ALA B 66 -10.73 4.24 8.75
N GLU B 67 -11.55 5.18 8.27
N GLU B 67 -11.61 5.19 8.38
CA GLU B 67 -12.99 4.99 8.11
CA GLU B 67 -13.03 4.89 8.24
C GLU B 67 -13.34 4.40 6.76
C GLU B 67 -13.33 4.35 6.83
N ASP B 68 -14.51 3.74 6.64
CA ASP B 68 -14.89 3.22 5.36
C ASP B 68 -14.92 4.38 4.37
N ASP B 69 -15.39 5.55 4.70
N ASP B 69 -15.31 5.56 4.81
CA ASP B 69 -15.45 6.57 3.63
CA ASP B 69 -15.45 6.71 3.91
C ASP B 69 -14.13 7.24 3.41
C ASP B 69 -14.12 7.29 3.48
N ASP B 70 -13.02 6.75 4.02
CA ASP B 70 -11.70 7.20 3.60
C ASP B 70 -11.18 6.33 2.44
N GLU B 71 -11.92 5.38 1.92
CA GLU B 71 -11.48 4.55 0.81
C GLU B 71 -10.94 5.33 -0.36
N SER B 72 -11.70 6.27 -0.84
N SER B 72 -11.68 6.29 -0.86
N SER B 72 -11.74 6.29 -0.81
CA SER B 72 -11.20 6.95 -2.02
CA SER B 72 -11.16 6.96 -2.07
CA SER B 72 -11.27 7.09 -1.99
C SER B 72 -9.91 7.72 -1.76
C SER B 72 -9.90 7.75 -1.77
C SER B 72 -9.95 7.76 -1.75
N LEU B 73 -9.79 8.32 -0.57
CA LEU B 73 -8.60 9.06 -0.20
C LEU B 73 -7.40 8.10 -0.20
N LEU B 74 -7.56 6.93 0.42
CA LEU B 74 -6.46 5.95 0.45
C LEU B 74 -6.02 5.52 -0.94
N GLY B 75 -7.03 5.24 -1.77
CA GLY B 75 -6.73 4.90 -3.15
C GLY B 75 -6.03 5.98 -3.92
N HIS B 76 -6.45 7.22 -3.60
CA HIS B 76 -5.76 8.40 -4.21
C HIS B 76 -4.32 8.46 -3.84
N LEU B 77 -3.94 8.07 -2.62
CA LEU B 77 -2.56 8.03 -2.30
C LEU B 77 -1.76 7.10 -3.23
N MET B 78 -2.36 5.93 -3.49
N MET B 78 -2.38 5.95 -3.52
CA MET B 78 -1.70 4.97 -4.37
CA MET B 78 -1.71 5.00 -4.34
C MET B 78 -1.63 5.43 -5.85
C MET B 78 -1.64 5.42 -5.84
N ILE B 79 -2.70 6.08 -6.32
CA ILE B 79 -2.69 6.58 -7.68
C ILE B 79 -1.65 7.74 -7.78
N VAL B 80 -1.60 8.62 -6.84
CA VAL B 80 -0.60 9.66 -6.80
C VAL B 80 0.78 9.04 -6.73
N GLY B 81 0.97 8.03 -5.90
CA GLY B 81 2.26 7.35 -5.82
C GLY B 81 2.74 6.80 -7.16
N LYS B 82 1.84 6.10 -7.82
CA LYS B 82 2.21 5.52 -9.11
C LYS B 82 2.53 6.58 -10.15
N LYS B 83 1.75 7.67 -10.13
CA LYS B 83 2.03 8.77 -11.09
C LYS B 83 3.37 9.42 -10.79
N CYS B 84 3.64 9.69 -9.49
CA CYS B 84 4.89 10.29 -9.15
C CYS B 84 6.07 9.36 -9.49
N ALA B 85 5.92 8.05 -9.27
CA ALA B 85 6.96 7.11 -9.61
C ALA B 85 7.31 7.19 -11.14
N ALA B 86 6.26 7.24 -11.95
CA ALA B 86 6.49 7.34 -13.38
C ALA B 86 7.21 8.68 -13.69
N ASP B 87 6.75 9.80 -13.06
CA ASP B 87 7.34 11.10 -13.36
C ASP B 87 8.82 11.12 -12.93
N LEU B 88 9.18 10.37 -11.89
CA LEU B 88 10.53 10.28 -11.40
C LEU B 88 11.40 9.21 -12.13
N GLY B 89 10.85 8.59 -13.16
CA GLY B 89 11.61 7.71 -14.02
C GLY B 89 11.82 6.31 -13.48
N LEU B 90 10.89 5.81 -12.63
CA LEU B 90 11.00 4.45 -12.07
C LEU B 90 10.47 3.41 -12.99
N ASN B 91 10.95 3.28 -14.20
CA ASN B 91 10.40 2.41 -15.21
C ASN B 91 10.78 0.93 -15.06
N LYS B 92 11.65 0.60 -14.13
CA LYS B 92 11.93 -0.79 -13.83
C LYS B 92 11.23 -1.33 -12.62
N GLY B 93 10.43 -0.49 -11.99
CA GLY B 93 9.59 -0.92 -10.87
C GLY B 93 9.90 -0.26 -9.56
N TYR B 94 9.08 -0.60 -8.56
CA TYR B 94 9.13 0.05 -7.30
C TYR B 94 8.27 -0.72 -6.30
N ARG B 95 8.41 -0.36 -5.01
CA ARG B 95 7.63 -0.97 -3.95
C ARG B 95 6.91 0.09 -3.17
N MET B 96 5.64 -0.14 -2.89
CA MET B 96 4.82 0.74 -2.04
C MET B 96 4.64 0.09 -0.66
N VAL B 97 4.76 0.85 0.38
CA VAL B 97 4.71 0.31 1.76
C VAL B 97 3.85 1.21 2.63
N VAL B 98 2.95 0.63 3.43
CA VAL B 98 2.29 1.32 4.53
C VAL B 98 2.62 0.57 5.81
N ASN B 99 3.16 1.25 6.78
CA ASN B 99 3.45 0.65 8.08
C ASN B 99 2.38 0.97 9.07
N GLU B 100 1.96 -0.03 9.84
CA GLU B 100 0.98 0.09 10.91
C GLU B 100 1.53 -0.35 12.23
N GLY B 101 1.53 0.56 13.18
CA GLY B 101 1.83 0.23 14.57
C GLY B 101 3.24 -0.25 14.83
N SER B 102 3.43 -0.86 15.98
N SER B 102 3.42 -0.89 15.98
N SER B 102 3.46 -0.86 16.01
CA SER B 102 4.76 -1.25 16.44
CA SER B 102 4.75 -1.23 16.46
CA SER B 102 4.86 -1.16 16.41
C SER B 102 5.41 -2.32 15.57
C SER B 102 5.40 -2.30 15.58
C SER B 102 5.41 -2.28 15.55
N ASP B 103 4.65 -3.38 15.32
CA ASP B 103 5.20 -4.45 14.52
C ASP B 103 5.44 -4.03 13.05
N GLY B 104 4.65 -3.06 12.59
CA GLY B 104 4.87 -2.56 11.24
C GLY B 104 5.99 -1.58 11.15
N GLY B 105 6.54 -1.15 12.24
CA GLY B 105 7.63 -0.16 12.20
C GLY B 105 7.18 1.26 11.96
N GLN B 106 5.89 1.55 12.28
CA GLN B 106 5.37 2.88 12.08
C GLN B 106 6.09 3.82 13.13
N SER B 107 6.63 4.89 12.63
CA SER B 107 7.24 5.88 13.55
C SER B 107 6.41 7.12 13.67
N VAL B 108 5.85 7.63 12.59
CA VAL B 108 5.06 8.89 12.56
C VAL B 108 3.60 8.44 12.52
N TYR B 109 2.79 8.91 13.49
CA TYR B 109 1.42 8.50 13.57
C TYR B 109 0.52 9.47 12.78
N HIS B 110 0.79 9.43 11.48
CA HIS B 110 0.02 10.10 10.42
C HIS B 110 0.18 9.16 9.22
N VAL B 111 -0.90 8.63 8.65
CA VAL B 111 -0.79 7.65 7.59
C VAL B 111 0.14 8.14 6.46
N HIS B 112 1.01 7.27 5.99
CA HIS B 112 1.88 7.63 4.89
C HIS B 112 2.23 6.42 4.08
N LEU B 113 2.31 6.59 2.79
N LEU B 113 2.23 6.61 2.79
CA LEU B 113 2.68 5.58 1.80
CA LEU B 113 2.61 5.61 1.80
C LEU B 113 4.12 5.83 1.37
C LEU B 113 4.05 5.85 1.40
N HIS B 114 4.97 4.89 1.62
CA HIS B 114 6.34 4.92 1.08
C HIS B 114 6.32 4.40 -0.36
N VAL B 115 7.15 5.01 -1.22
CA VAL B 115 7.41 4.50 -2.53
C VAL B 115 8.93 4.46 -2.72
N LEU B 116 9.46 3.25 -2.97
CA LEU B 116 10.91 3.03 -3.06
C LEU B 116 11.23 2.43 -4.40
N GLY B 117 12.29 2.93 -5.06
CA GLY B 117 12.74 2.28 -6.26
C GLY B 117 14.16 2.73 -6.63
N GLY B 118 14.56 2.31 -7.82
CA GLY B 118 15.94 2.57 -8.29
C GLY B 118 16.98 1.55 -7.89
N ARG B 119 16.56 0.50 -7.25
CA ARG B 119 17.40 -0.65 -7.01
C ARG B 119 16.44 -1.88 -6.92
N GLN B 120 17.09 -3.05 -6.98
CA GLN B 120 16.29 -4.26 -6.72
C GLN B 120 15.86 -4.29 -5.28
N MET B 121 14.57 -4.47 -5.06
CA MET B 121 13.99 -4.71 -3.74
C MET B 121 13.98 -6.24 -3.50
N HIS B 122 14.23 -6.62 -2.24
N HIS B 122 14.26 -6.56 -2.23
CA HIS B 122 14.34 -8.02 -1.91
CA HIS B 122 14.40 -7.95 -1.79
C HIS B 122 13.07 -8.49 -1.18
C HIS B 122 13.16 -8.46 -1.07
N TRP B 123 13.06 -9.81 -0.99
CA TRP B 123 11.93 -10.43 -0.31
C TRP B 123 12.52 -11.24 0.86
N PRO B 124 11.92 -11.25 2.04
CA PRO B 124 10.68 -10.55 2.43
C PRO B 124 10.89 -9.03 2.52
N PRO B 125 9.79 -8.30 2.58
CA PRO B 125 9.85 -6.83 2.64
C PRO B 125 10.03 -6.37 4.07
N GLY B 126 11.19 -6.70 4.66
CA GLY B 126 11.47 -6.57 6.06
C GLY B 126 10.93 -7.74 6.88
PB ADP C . 10.42 3.95 9.58
O1B ADP C . 10.85 2.84 10.65
O2B ADP C . 9.68 3.59 8.49
O3B ADP C . 11.58 4.98 9.62
PA ADP C . 7.37 5.17 9.56
O1A ADP C . 6.72 4.34 8.46
O2A ADP C . 6.48 6.03 10.40
O3A ADP C . 9.06 4.78 10.05
O5' ADP C . 7.67 6.21 8.17
C5' ADP C . 8.16 7.66 8.37
C4' ADP C . 9.17 8.20 7.36
O4' ADP C . 9.15 9.65 7.49
C3' ADP C . 10.57 7.61 7.48
O3' ADP C . 11.04 6.92 6.27
C2' ADP C . 11.31 9.02 7.78
O2' ADP C . 12.48 9.23 7.25
C1' ADP C . 10.45 10.06 7.17
N9 ADP C . 10.46 11.52 7.61
C8 ADP C . 10.26 11.86 8.87
N7 ADP C . 10.44 13.16 8.90
C5 ADP C . 10.58 13.70 7.69
C6 ADP C . 10.81 14.97 7.04
N6 ADP C . 10.82 16.10 7.76
N1 ADP C . 10.98 14.96 5.67
C2 ADP C . 11.06 13.72 4.83
N3 ADP C . 10.93 12.52 5.47
C4 ADP C . 10.56 12.54 6.76
#